data_9B4Q
#
_entry.id   9B4Q
#
_cell.length_a   39.299
_cell.length_b   62.797
_cell.length_c   66.089
_cell.angle_alpha   90.00
_cell.angle_beta   90.00
_cell.angle_gamma   90.00
#
_symmetry.space_group_name_H-M   'P 21 21 21'
#
loop_
_entity.id
_entity.type
_entity.pdbx_description
1 polymer 'Ras-related protein R-Ras2'
2 non-polymer 'PHOSPHOAMINOPHOSPHONIC ACID-GUANYLATE ESTER'
3 non-polymer 'MAGNESIUM ION'
4 water water
#
_entity_poly.entity_id   1
_entity_poly.type   'polypeptide(L)'
_entity_poly.pdbx_seq_one_letter_code
;GQEKYRLVVVGGGGVGKSALTIQFIQSYFVTDYDPTIEDSYTKQCVIDDRAARLDILDTAGQEEFGAMREQYMRTGEGFL
LVFSVTDRGSFEEIYKFQRQILRVKDRDEFPMILIGNKADLDHQRQVTQEEGQQLARQLKVTYMEASAKIRMNVDQAFHE
LVRVIRKFQ
;
_entity_poly.pdbx_strand_id   A
#
loop_
_chem_comp.id
_chem_comp.type
_chem_comp.name
_chem_comp.formula
GNP non-polymer 'PHOSPHOAMINOPHOSPHONIC ACID-GUANYLATE ESTER' 'C10 H17 N6 O13 P3'
MG non-polymer 'MAGNESIUM ION' 'Mg 2'
#
# COMPACT_ATOMS: atom_id res chain seq x y z
N GLN A 2 16.00 15.11 9.95
CA GLN A 2 15.62 15.99 8.85
C GLN A 2 15.37 15.20 7.55
N GLU A 3 14.65 14.07 7.65
CA GLU A 3 14.39 13.19 6.52
C GLU A 3 12.91 12.85 6.45
N LYS A 4 12.41 12.67 5.23
CA LYS A 4 10.97 12.48 5.01
C LYS A 4 10.76 11.62 3.76
N TYR A 5 9.62 10.94 3.73
CA TYR A 5 9.30 10.06 2.60
C TYR A 5 7.85 10.29 2.24
N ARG A 6 7.60 10.46 0.95
CA ARG A 6 6.24 10.57 0.42
C ARG A 6 5.80 9.16 0.01
N LEU A 7 4.91 8.57 0.80
CA LEU A 7 4.48 7.20 0.60
C LEU A 7 3.06 7.28 0.07
N VAL A 8 2.73 6.37 -0.83
CA VAL A 8 1.40 6.39 -1.45
C VAL A 8 0.79 5.01 -1.36
N VAL A 9 -0.45 4.94 -0.89
CA VAL A 9 -1.19 3.68 -0.72
C VAL A 9 -2.18 3.54 -1.88
N VAL A 10 -1.99 2.48 -2.69
CA VAL A 10 -2.79 2.29 -3.91
C VAL A 10 -3.35 0.89 -3.98
N GLY A 11 -4.37 0.74 -4.83
CA GLY A 11 -5.03 -0.54 -5.02
C GLY A 11 -6.52 -0.34 -5.26
N GLY A 12 -7.15 -1.45 -5.59
CA GLY A 12 -8.56 -1.45 -5.98
C GLY A 12 -9.50 -1.07 -4.83
N GLY A 13 -10.76 -0.84 -5.22
CA GLY A 13 -11.73 -0.35 -4.24
C GLY A 13 -12.01 -1.37 -3.15
N GLY A 14 -12.10 -0.87 -1.91
CA GLY A 14 -12.51 -1.68 -0.78
C GLY A 14 -11.48 -2.65 -0.21
N VAL A 15 -10.23 -2.59 -0.67
CA VAL A 15 -9.24 -3.55 -0.20
C VAL A 15 -8.70 -3.22 1.17
N GLY A 16 -8.96 -2.02 1.68
CA GLY A 16 -8.58 -1.63 3.03
C GLY A 16 -7.42 -0.62 3.07
N LYS A 17 -7.23 0.16 1.98
CA LYS A 17 -6.16 1.19 1.97
C LYS A 17 -6.35 2.18 3.12
N SER A 18 -7.59 2.68 3.26
CA SER A 18 -7.90 3.66 4.29
C SER A 18 -7.82 3.03 5.68
N ALA A 19 -8.37 1.81 5.83
CA ALA A 19 -8.32 1.14 7.14
C ALA A 19 -6.88 0.91 7.59
N LEU A 20 -6.01 0.50 6.66
CA LEU A 20 -4.57 0.34 7.00
C LEU A 20 -3.96 1.66 7.42
N THR A 21 -4.24 2.72 6.67
CA THR A 21 -3.63 4.01 6.93
C THR A 21 -4.14 4.60 8.23
N ILE A 22 -5.44 4.45 8.51
CA ILE A 22 -5.99 5.00 9.74
C ILE A 22 -5.47 4.20 10.92
N GLN A 23 -5.34 2.88 10.76
CA GLN A 23 -4.75 2.12 11.87
C GLN A 23 -3.33 2.58 12.12
N PHE A 24 -2.57 2.76 11.04
CA PHE A 24 -1.19 3.22 11.21
C PHE A 24 -1.11 4.58 11.92
N ILE A 25 -1.95 5.55 11.51
CA ILE A 25 -1.86 6.91 12.04
C ILE A 25 -2.53 7.04 13.40
N GLN A 26 -3.75 6.52 13.52
CA GLN A 26 -4.60 6.75 14.70
C GLN A 26 -4.87 5.53 15.55
N SER A 27 -4.46 4.31 15.14
CA SER A 27 -4.62 3.11 15.98
C SER A 27 -6.08 2.76 16.30
N TYR A 28 -6.93 2.93 15.30
CA TYR A 28 -8.34 2.56 15.37
CA TYR A 28 -8.29 2.43 15.40
C TYR A 28 -8.72 1.92 14.04
N PHE A 29 -9.68 1.01 14.09
CA PHE A 29 -10.13 0.28 12.91
C PHE A 29 -11.48 0.81 12.43
N VAL A 30 -11.55 1.26 11.18
CA VAL A 30 -12.81 1.74 10.62
CA VAL A 30 -12.80 1.75 10.60
C VAL A 30 -13.61 0.57 10.06
N THR A 31 -14.87 0.48 10.50
CA THR A 31 -15.83 -0.52 10.00
C THR A 31 -16.55 -0.01 8.77
N ASP A 32 -16.90 1.27 8.76
CA ASP A 32 -17.66 1.78 7.62
C ASP A 32 -16.70 1.85 6.44
N TYR A 33 -17.25 1.62 5.23
CA TYR A 33 -16.52 1.69 3.96
C TYR A 33 -16.98 3.00 3.30
N ASP A 34 -16.18 4.04 3.47
CA ASP A 34 -16.47 5.36 2.90
CA ASP A 34 -16.46 5.35 2.89
C ASP A 34 -15.44 5.54 1.79
N PRO A 35 -15.80 5.40 0.52
CA PRO A 35 -14.81 5.47 -0.56
C PRO A 35 -14.04 6.79 -0.54
N THR A 36 -12.74 6.68 -0.74
CA THR A 36 -11.84 7.82 -0.67
C THR A 36 -11.65 8.45 -2.05
N ILE A 37 -11.63 9.78 -2.09
CA ILE A 37 -11.08 10.49 -3.26
C ILE A 37 -9.56 10.60 -3.11
N GLU A 38 -9.08 11.39 -2.14
CA GLU A 38 -7.65 11.36 -1.83
C GLU A 38 -7.44 12.07 -0.50
N ASP A 39 -6.80 11.40 0.44
CA ASP A 39 -6.56 11.92 1.78
C ASP A 39 -5.06 11.87 2.11
N SER A 40 -4.63 12.79 2.97
CA SER A 40 -3.22 12.89 3.33
C SER A 40 -3.06 12.81 4.84
N TYR A 41 -1.97 12.18 5.26
CA TYR A 41 -1.68 12.00 6.68
C TYR A 41 -0.17 12.08 6.86
N THR A 42 0.26 12.30 8.10
CA THR A 42 1.69 12.33 8.40
CA THR A 42 1.68 12.35 8.41
C THR A 42 1.94 11.63 9.72
N LYS A 43 3.13 11.03 9.86
CA LYS A 43 3.52 10.39 11.11
C LYS A 43 5.04 10.47 11.23
N GLN A 44 5.52 10.78 12.43
CA GLN A 44 6.95 10.72 12.73
C GLN A 44 7.29 9.33 13.28
N CYS A 45 8.25 8.66 12.64
CA CYS A 45 8.62 7.29 12.96
C CYS A 45 10.13 7.19 13.12
N VAL A 46 10.54 6.10 13.73
CA VAL A 46 11.97 5.72 13.84
C VAL A 46 12.09 4.34 13.21
N ILE A 47 12.83 4.25 12.11
CA ILE A 47 12.95 3.00 11.36
C ILE A 47 14.41 2.61 11.31
N ASP A 48 14.77 1.46 11.91
CA ASP A 48 16.16 1.04 12.02
C ASP A 48 16.99 2.13 12.70
N ASP A 49 16.44 2.72 13.77
CA ASP A 49 17.07 3.77 14.59
C ASP A 49 17.28 5.07 13.81
N ARG A 50 16.66 5.21 12.63
CA ARG A 50 16.82 6.39 11.77
C ARG A 50 15.47 7.09 11.64
N ALA A 51 15.37 8.29 12.21
CA ALA A 51 14.08 8.98 12.27
C ALA A 51 13.66 9.41 10.86
N ALA A 52 12.34 9.36 10.62
CA ALA A 52 11.83 9.75 9.33
C ALA A 52 10.41 10.24 9.52
N ARG A 53 10.06 11.32 8.85
CA ARG A 53 8.63 11.69 8.75
C ARG A 53 8.02 11.01 7.53
N LEU A 54 6.91 10.31 7.74
CA LEU A 54 6.22 9.63 6.67
C LEU A 54 4.96 10.44 6.27
N ASP A 55 4.99 10.99 5.07
CA ASP A 55 3.83 11.69 4.50
C ASP A 55 3.08 10.68 3.63
N ILE A 56 1.88 10.29 4.07
CA ILE A 56 1.13 9.21 3.44
CA ILE A 56 1.12 9.20 3.46
C ILE A 56 -0.02 9.79 2.63
N LEU A 57 -0.11 9.37 1.37
CA LEU A 57 -1.27 9.68 0.52
C LEU A 57 -2.14 8.42 0.38
N ASP A 58 -3.41 8.54 0.83
CA ASP A 58 -4.41 7.48 0.76
C ASP A 58 -5.30 7.78 -0.45
N THR A 59 -5.24 6.91 -1.48
CA THR A 59 -5.76 7.21 -2.82
C THR A 59 -7.08 6.47 -3.08
N ALA A 60 -7.68 6.74 -4.23
CA ALA A 60 -9.00 6.23 -4.60
C ALA A 60 -8.87 4.88 -5.28
N GLY A 61 -9.65 3.90 -4.84
CA GLY A 61 -9.69 2.64 -5.56
C GLY A 61 -10.79 2.69 -6.61
N GLN A 62 -11.70 3.66 -6.48
CA GLN A 62 -12.80 3.82 -7.43
C GLN A 62 -12.29 4.37 -8.75
N GLU A 63 -12.72 3.74 -9.85
CA GLU A 63 -12.22 4.13 -11.17
C GLU A 63 -12.62 5.55 -11.53
N GLU A 64 -13.72 6.06 -10.97
CA GLU A 64 -14.14 7.44 -11.22
C GLU A 64 -12.98 8.44 -11.07
N PHE A 65 -12.07 8.19 -10.13
CA PHE A 65 -10.99 9.12 -9.85
C PHE A 65 -9.66 8.64 -10.41
N GLY A 66 -9.73 7.76 -11.43
CA GLY A 66 -8.53 7.25 -12.06
C GLY A 66 -7.62 8.32 -12.63
N ALA A 67 -8.17 9.46 -13.04
CA ALA A 67 -7.34 10.48 -13.69
C ALA A 67 -6.37 11.15 -12.71
N MET A 68 -6.62 11.06 -11.41
CA MET A 68 -5.70 11.65 -10.44
C MET A 68 -4.43 10.82 -10.23
N ARG A 69 -4.35 9.60 -10.76
CA ARG A 69 -3.18 8.78 -10.48
C ARG A 69 -1.90 9.39 -11.03
N GLU A 70 -1.93 9.97 -12.24
CA GLU A 70 -0.68 10.45 -12.83
C GLU A 70 0.03 11.43 -11.89
N GLN A 71 -0.75 12.33 -11.29
CA GLN A 71 -0.20 13.33 -10.37
C GLN A 71 0.47 12.67 -9.16
N TYR A 72 -0.25 11.78 -8.45
CA TYR A 72 0.36 11.25 -7.24
C TYR A 72 1.45 10.24 -7.56
N MET A 73 1.40 9.64 -8.75
CA MET A 73 2.44 8.69 -9.08
C MET A 73 3.71 9.42 -9.44
N ARG A 74 3.60 10.62 -10.01
CA ARG A 74 4.79 11.40 -10.33
C ARG A 74 5.58 11.73 -9.07
N THR A 75 4.91 12.11 -7.99
CA THR A 75 5.60 12.59 -6.80
C THR A 75 5.83 11.53 -5.73
N GLY A 76 5.20 10.37 -5.80
CA GLY A 76 5.40 9.36 -4.75
C GLY A 76 6.80 8.79 -4.74
N GLU A 77 7.35 8.60 -3.56
CA GLU A 77 8.69 8.03 -3.40
C GLU A 77 8.65 6.54 -3.14
N GLY A 78 7.48 6.00 -2.75
CA GLY A 78 7.35 4.56 -2.59
C GLY A 78 5.87 4.25 -2.56
N PHE A 79 5.50 3.02 -2.91
CA PHE A 79 4.07 2.65 -3.05
C PHE A 79 3.77 1.34 -2.31
N LEU A 80 2.70 1.33 -1.50
CA LEU A 80 2.16 0.10 -0.98
C LEU A 80 1.12 -0.34 -1.97
N LEU A 81 1.34 -1.48 -2.62
CA LEU A 81 0.36 -2.06 -3.56
C LEU A 81 -0.53 -3.01 -2.76
N VAL A 82 -1.79 -2.59 -2.52
CA VAL A 82 -2.67 -3.32 -1.60
C VAL A 82 -3.74 -4.05 -2.40
N PHE A 83 -3.92 -5.33 -2.10
CA PHE A 83 -5.12 -6.05 -2.53
C PHE A 83 -5.71 -6.71 -1.31
N SER A 84 -6.92 -7.19 -1.46
CA SER A 84 -7.59 -7.93 -0.39
C SER A 84 -7.55 -9.41 -0.69
N VAL A 85 -7.13 -10.21 0.30
CA VAL A 85 -7.09 -11.64 0.14
C VAL A 85 -8.47 -12.23 -0.04
N THR A 86 -9.53 -11.47 0.26
CA THR A 86 -10.89 -11.95 0.07
C THR A 86 -11.50 -11.49 -1.25
N ASP A 87 -10.72 -10.86 -2.13
CA ASP A 87 -11.23 -10.28 -3.37
C ASP A 87 -10.24 -10.62 -4.50
N ARG A 88 -10.50 -11.72 -5.20
CA ARG A 88 -9.57 -12.12 -6.25
C ARG A 88 -9.49 -11.08 -7.34
N GLY A 89 -10.59 -10.39 -7.64
CA GLY A 89 -10.53 -9.30 -8.62
C GLY A 89 -9.49 -8.24 -8.25
N SER A 90 -9.40 -7.90 -6.98
CA SER A 90 -8.42 -6.90 -6.57
C SER A 90 -7.01 -7.45 -6.73
N PHE A 91 -6.85 -8.75 -6.50
CA PHE A 91 -5.57 -9.41 -6.68
C PHE A 91 -5.16 -9.43 -8.13
N GLU A 92 -6.10 -9.73 -9.02
CA GLU A 92 -5.76 -9.75 -10.43
C GLU A 92 -5.50 -8.36 -10.99
N GLU A 93 -6.01 -7.33 -10.34
CA GLU A 93 -5.91 -5.97 -10.85
C GLU A 93 -4.75 -5.17 -10.27
N ILE A 94 -4.10 -5.65 -9.21
CA ILE A 94 -3.07 -4.81 -8.63
C ILE A 94 -1.89 -4.60 -9.59
N TYR A 95 -1.67 -5.53 -10.51
CA TYR A 95 -0.55 -5.35 -11.45
C TYR A 95 -0.74 -4.10 -12.31
N LYS A 96 -1.98 -3.67 -12.56
CA LYS A 96 -2.21 -2.45 -13.32
C LYS A 96 -1.68 -1.22 -12.61
N PHE A 97 -1.69 -1.25 -11.28
CA PHE A 97 -1.12 -0.15 -10.54
C PHE A 97 0.39 -0.16 -10.67
N GLN A 98 1.00 -1.34 -10.52
CA GLN A 98 2.45 -1.44 -10.73
C GLN A 98 2.84 -0.95 -12.12
N ARG A 99 2.11 -1.34 -13.17
CA ARG A 99 2.45 -0.90 -14.51
CA ARG A 99 2.47 -0.90 -14.51
C ARG A 99 2.35 0.62 -14.65
N GLN A 100 1.33 1.22 -14.03
CA GLN A 100 1.19 2.65 -14.26
C GLN A 100 2.27 3.42 -13.52
N ILE A 101 2.63 2.97 -12.32
CA ILE A 101 3.72 3.60 -11.56
C ILE A 101 4.99 3.58 -12.39
N LEU A 102 5.33 2.39 -12.93
CA LEU A 102 6.59 2.32 -13.70
C LEU A 102 6.53 3.12 -15.00
N ARG A 103 5.36 3.23 -15.62
CA ARG A 103 5.21 4.05 -16.81
C ARG A 103 5.39 5.52 -16.49
N VAL A 104 4.77 6.00 -15.40
CA VAL A 104 4.95 7.40 -15.03
C VAL A 104 6.40 7.70 -14.66
N LYS A 105 7.05 6.78 -13.96
CA LYS A 105 8.44 6.99 -13.53
C LYS A 105 9.38 6.78 -14.69
N ASP A 106 8.94 6.08 -15.74
CA ASP A 106 9.83 5.75 -16.87
C ASP A 106 11.07 4.98 -16.38
N ARG A 107 10.83 4.02 -15.47
CA ARG A 107 11.88 3.22 -14.83
CA ARG A 107 11.86 3.22 -14.80
C ARG A 107 11.49 1.74 -14.89
N ASP A 108 12.50 0.87 -14.83
CA ASP A 108 12.25 -0.58 -14.83
C ASP A 108 11.89 -1.14 -13.47
N GLU A 109 12.29 -0.45 -12.40
CA GLU A 109 11.94 -0.78 -11.02
C GLU A 109 11.76 0.51 -10.23
N PHE A 110 11.01 0.43 -9.13
CA PHE A 110 10.77 1.59 -8.30
C PHE A 110 10.27 1.04 -6.97
N PRO A 111 10.61 1.70 -5.82
CA PRO A 111 10.25 1.15 -4.50
C PRO A 111 8.77 0.86 -4.29
N MET A 112 8.45 -0.41 -4.07
CA MET A 112 7.08 -0.88 -3.90
C MET A 112 7.10 -2.10 -3.00
N ILE A 113 5.98 -2.38 -2.32
CA ILE A 113 5.72 -3.62 -1.57
CA ILE A 113 5.75 -3.65 -1.63
C ILE A 113 4.30 -4.07 -1.85
N LEU A 114 4.09 -5.38 -1.99
CA LEU A 114 2.77 -5.95 -2.22
C LEU A 114 2.19 -6.34 -0.87
N ILE A 115 0.99 -5.88 -0.59
CA ILE A 115 0.32 -6.14 0.68
C ILE A 115 -0.98 -6.89 0.41
N GLY A 116 -1.09 -8.08 0.99
CA GLY A 116 -2.32 -8.83 0.98
C GLY A 116 -3.06 -8.57 2.28
N ASN A 117 -4.04 -7.67 2.23
CA ASN A 117 -4.78 -7.27 3.43
C ASN A 117 -5.98 -8.18 3.65
N LYS A 118 -6.56 -8.05 4.86
CA LYS A 118 -7.71 -8.81 5.35
C LYS A 118 -7.36 -10.25 5.67
N ALA A 119 -6.11 -10.51 6.04
CA ALA A 119 -5.68 -11.85 6.43
C ALA A 119 -6.40 -12.38 7.67
N ASP A 120 -7.05 -11.52 8.43
CA ASP A 120 -7.89 -12.00 9.52
C ASP A 120 -9.13 -12.74 9.03
N LEU A 121 -9.57 -12.51 7.79
CA LEU A 121 -10.76 -13.17 7.26
C LEU A 121 -10.36 -14.52 6.70
N ASP A 122 -9.88 -15.36 7.62
CA ASP A 122 -9.27 -16.64 7.24
C ASP A 122 -10.26 -17.54 6.52
N HIS A 123 -11.53 -17.49 6.89
CA HIS A 123 -12.53 -18.37 6.28
C HIS A 123 -13.18 -17.78 5.03
N GLN A 124 -12.68 -16.65 4.52
CA GLN A 124 -13.27 -15.98 3.36
C GLN A 124 -12.24 -15.76 2.25
N ARG A 125 -11.03 -16.30 2.38
CA ARG A 125 -9.97 -16.04 1.42
C ARG A 125 -10.33 -16.51 0.02
N GLN A 126 -9.96 -15.70 -0.97
CA GLN A 126 -9.98 -16.10 -2.37
C GLN A 126 -8.57 -16.20 -2.94
N VAL A 127 -7.56 -15.74 -2.23
CA VAL A 127 -6.17 -15.72 -2.69
C VAL A 127 -5.32 -16.33 -1.58
N THR A 128 -4.57 -17.37 -1.92
CA THR A 128 -3.74 -18.00 -0.91
C THR A 128 -2.45 -17.22 -0.73
N GLN A 129 -1.76 -17.50 0.37
CA GLN A 129 -0.49 -16.83 0.64
CA GLN A 129 -0.50 -16.82 0.63
C GLN A 129 0.54 -17.14 -0.43
N GLU A 130 0.52 -18.37 -0.97
CA GLU A 130 1.46 -18.73 -2.01
C GLU A 130 1.19 -17.96 -3.30
N GLU A 131 -0.09 -17.70 -3.60
CA GLU A 131 -0.44 -16.90 -4.77
C GLU A 131 0.07 -15.47 -4.65
N GLY A 132 -0.09 -14.87 -3.47
CA GLY A 132 0.42 -13.52 -3.27
C GLY A 132 1.93 -13.46 -3.36
N GLN A 133 2.63 -14.47 -2.81
CA GLN A 133 4.08 -14.51 -2.90
C GLN A 133 4.55 -14.66 -4.33
N GLN A 134 3.82 -15.47 -5.12
CA GLN A 134 4.13 -15.63 -6.53
C GLN A 134 3.97 -14.31 -7.28
N LEU A 135 2.86 -13.60 -7.06
CA LEU A 135 2.68 -12.32 -7.73
C LEU A 135 3.78 -11.33 -7.35
N ALA A 136 4.15 -11.29 -6.06
CA ALA A 136 5.26 -10.42 -5.66
C ALA A 136 6.54 -10.75 -6.43
N ARG A 137 6.86 -12.04 -6.58
CA ARG A 137 8.03 -12.39 -7.37
C ARG A 137 7.90 -11.90 -8.81
N GLN A 138 6.70 -12.04 -9.39
CA GLN A 138 6.50 -11.57 -10.76
C GLN A 138 6.73 -10.07 -10.89
N LEU A 139 6.34 -9.31 -9.86
CA LEU A 139 6.46 -7.85 -9.86
C LEU A 139 7.80 -7.37 -9.31
N LYS A 140 8.70 -8.30 -8.93
CA LYS A 140 10.03 -7.98 -8.39
C LYS A 140 9.95 -7.18 -7.09
N VAL A 141 9.00 -7.52 -6.20
CA VAL A 141 8.82 -6.84 -4.93
C VAL A 141 8.65 -7.89 -3.84
N THR A 142 8.64 -7.43 -2.59
CA THR A 142 8.39 -8.32 -1.48
C THR A 142 6.89 -8.31 -1.18
N TYR A 143 6.45 -9.37 -0.49
CA TYR A 143 5.06 -9.58 -0.12
C TYR A 143 4.96 -9.59 1.40
N MET A 144 3.91 -8.96 1.89
CA MET A 144 3.57 -9.06 3.31
C MET A 144 2.05 -9.15 3.40
N GLU A 145 1.56 -10.01 4.28
CA GLU A 145 0.12 -10.04 4.59
C GLU A 145 -0.12 -9.19 5.81
N ALA A 146 -1.29 -8.58 5.84
CA ALA A 146 -1.64 -7.61 6.86
C ALA A 146 -3.11 -7.78 7.21
N SER A 147 -3.47 -7.22 8.37
CA SER A 147 -4.87 -7.07 8.72
C SER A 147 -5.03 -5.71 9.37
N ALA A 148 -5.85 -4.86 8.76
CA ALA A 148 -6.19 -3.61 9.44
C ALA A 148 -7.07 -3.88 10.65
N LYS A 149 -7.91 -4.93 10.60
CA LYS A 149 -8.83 -5.17 11.69
C LYS A 149 -8.11 -5.52 12.96
N ILE A 150 -7.17 -6.46 12.90
CA ILE A 150 -6.44 -6.90 14.10
C ILE A 150 -5.09 -6.23 14.23
N ARG A 151 -4.79 -5.24 13.36
CA ARG A 151 -3.53 -4.48 13.39
C ARG A 151 -2.30 -5.38 13.24
N MET A 152 -2.38 -6.29 12.28
CA MET A 152 -1.29 -7.20 12.00
C MET A 152 -0.45 -6.60 10.88
N ASN A 153 0.84 -6.41 11.15
CA ASN A 153 1.78 -5.95 10.13
C ASN A 153 1.45 -4.58 9.56
N VAL A 154 0.73 -3.75 10.31
CA VAL A 154 0.43 -2.38 9.89
C VAL A 154 1.70 -1.50 9.94
N ASP A 155 2.26 -1.31 11.13
CA ASP A 155 3.49 -0.53 11.20
C ASP A 155 4.58 -1.16 10.33
N GLN A 156 4.67 -2.50 10.35
CA GLN A 156 5.72 -3.21 9.60
C GLN A 156 5.66 -2.94 8.10
N ALA A 157 4.44 -2.84 7.55
CA ALA A 157 4.33 -2.61 6.12
C ALA A 157 4.92 -1.26 5.73
N PHE A 158 4.57 -0.23 6.49
CA PHE A 158 5.09 1.11 6.24
C PHE A 158 6.60 1.19 6.53
N HIS A 159 7.07 0.60 7.63
CA HIS A 159 8.52 0.59 7.90
C HIS A 159 9.26 -0.09 6.76
N GLU A 160 8.75 -1.23 6.30
CA GLU A 160 9.47 -1.97 5.26
C GLU A 160 9.53 -1.17 3.96
N LEU A 161 8.44 -0.45 3.62
CA LEU A 161 8.52 0.38 2.41
C LEU A 161 9.65 1.42 2.51
N VAL A 162 9.79 2.08 3.67
CA VAL A 162 10.90 3.00 3.91
C VAL A 162 12.24 2.29 3.71
N ARG A 163 12.36 1.06 4.23
CA ARG A 163 13.64 0.35 4.05
C ARG A 163 13.94 0.15 2.57
N VAL A 164 12.93 -0.24 1.78
CA VAL A 164 13.08 -0.41 0.34
C VAL A 164 13.51 0.89 -0.32
N ILE A 165 12.83 2.00 0.04
CA ILE A 165 13.20 3.31 -0.51
C ILE A 165 14.66 3.62 -0.19
N ARG A 166 15.09 3.36 1.05
CA ARG A 166 16.49 3.69 1.39
C ARG A 166 17.48 2.87 0.59
N LYS A 167 17.14 1.63 0.21
CA LYS A 167 18.06 0.79 -0.58
C LYS A 167 18.17 1.23 -2.05
N PHE A 168 17.14 1.91 -2.54
CA PHE A 168 17.06 2.45 -3.89
CA PHE A 168 17.13 2.40 -3.90
C PHE A 168 17.99 3.65 -4.06
N GLN A 169 18.38 4.28 -2.95
CA GLN A 169 19.20 5.49 -2.91
C GLN A 169 20.68 5.14 -2.84
PG GNP B . -11.55 2.93 -1.49
O1G GNP B . -12.95 3.09 -2.05
O2G GNP B . -11.12 4.21 -0.80
O3G GNP B . -10.60 2.52 -2.61
N3B GNP B . -11.72 1.63 -0.34
PB GNP B . -10.37 1.26 0.65
O1B GNP B . -9.86 2.55 1.26
O2B GNP B . -9.37 0.42 -0.09
O3A GNP B . -11.04 0.30 1.80
PA GNP B . -11.54 0.74 3.25
O1A GNP B . -10.32 1.03 4.03
O2A GNP B . -12.53 1.87 3.22
O5' GNP B . -12.14 -0.64 3.70
C5' GNP B . -13.28 -1.13 2.99
C4' GNP B . -14.03 -2.14 3.85
O4' GNP B . -13.18 -3.24 4.20
C3' GNP B . -14.49 -1.72 5.25
O3' GNP B . -15.85 -1.93 5.61
C2' GNP B . -13.40 -1.95 6.25
O2' GNP B . -13.91 -2.20 7.57
C1' GNP B . -12.93 -3.21 5.63
N9 GNP B . -11.60 -3.69 6.02
C8 GNP B . -10.48 -3.01 5.70
N7 GNP B . -9.39 -3.66 6.12
C5 GNP B . -9.82 -4.80 6.70
C6 GNP B . -9.18 -5.98 7.32
O6 GNP B . -7.93 -6.02 7.44
N1 GNP B . -10.01 -6.94 7.77
C2 GNP B . -11.36 -6.94 7.69
N2 GNP B . -12.03 -7.99 8.22
N3 GNP B . -12.03 -5.89 7.13
C4 GNP B . -11.30 -4.84 6.61
MG MG C . -10.20 4.55 1.02
#